data_5WI3
#
_entry.id   5WI3
#
_cell.length_a   98.095
_cell.length_b   143.032
_cell.length_c   44.312
_cell.angle_alpha   90.00
_cell.angle_beta   90.00
_cell.angle_gamma   90.00
#
_symmetry.space_group_name_H-M   'P 21 21 2'
#
loop_
_entity.id
_entity.type
_entity.pdbx_description
1 polymer OXA-239
2 non-polymer "CEFOTAXIME, C3' cleaved, open, bound form"
3 water water
#
_entity_poly.entity_id   1
_entity_poly.type   'polypeptide(L)'
_entity_poly.pdbx_seq_one_letter_code
;MHNLINETPSQIVQGHNQVIHQYFDEKNTSGVLVIQTDKKINLYGNALSRANTEYVPASTFDMLNALIGLENQKTDINEI
FKWKGEKRLFTAWEKDMTLGEAMKLSAVPVYQELARRIGLDLMQKEVKRIGFGNAEIGQQVDNFWLVGPLKVTPIQEVEF
VSQLAHTQLPFSEKVQANVKNMLLLEESNGYKIFGKTGWAMNIKSQVGWLTGWVEQPDGKIVAFALNMEMRSEMPASIRN
ELLMKSLKQLNII
;
_entity_poly.pdbx_strand_id   B,A
#
# COMPACT_ATOMS: atom_id res chain seq x y z
N GLN A 11 -7.22 -17.31 1.93
CA GLN A 11 -8.26 -18.29 2.36
C GLN A 11 -9.53 -17.58 2.86
N ILE A 12 -10.64 -17.70 2.13
CA ILE A 12 -11.96 -17.30 2.59
C ILE A 12 -12.69 -18.56 2.92
N VAL A 13 -13.21 -18.66 4.16
CA VAL A 13 -13.95 -19.86 4.59
C VAL A 13 -15.08 -19.52 5.59
N GLN A 14 -16.14 -20.32 5.56
CA GLN A 14 -17.14 -20.26 6.64
C GLN A 14 -16.45 -20.64 7.92
N GLY A 15 -16.56 -19.82 8.97
CA GLY A 15 -16.13 -20.25 10.32
C GLY A 15 -17.18 -21.23 10.90
N HIS A 16 -16.75 -22.15 11.77
CA HIS A 16 -17.74 -23.02 12.45
C HIS A 16 -18.33 -22.17 13.56
N ASN A 17 -19.52 -21.60 13.34
CA ASN A 17 -20.26 -21.03 14.46
C ASN A 17 -21.82 -21.00 14.43
N GLN A 18 -22.38 -22.06 15.02
CA GLN A 18 -23.80 -22.20 15.35
C GLN A 18 -24.35 -21.03 16.17
N VAL A 19 -23.55 -20.46 17.06
CA VAL A 19 -24.02 -19.42 17.96
C VAL A 19 -24.22 -18.10 17.23
N ILE A 20 -23.30 -17.70 16.36
CA ILE A 20 -23.43 -16.40 15.69
C ILE A 20 -24.58 -16.44 14.66
N HIS A 21 -24.81 -17.61 14.06
CA HIS A 21 -25.90 -17.76 13.12
C HIS A 21 -27.21 -17.47 13.85
N GLN A 22 -27.34 -18.00 15.06
CA GLN A 22 -28.52 -17.81 15.91
C GLN A 22 -28.68 -16.33 16.35
N TYR A 23 -27.59 -15.64 16.65
CA TYR A 23 -27.68 -14.21 16.92
C TYR A 23 -28.36 -13.45 15.79
N PHE A 24 -28.01 -13.74 14.54
CA PHE A 24 -28.70 -13.08 13.44
C PHE A 24 -30.16 -13.55 13.32
N ASP A 25 -30.41 -14.85 13.41
CA ASP A 25 -31.76 -15.37 13.35
C ASP A 25 -32.74 -14.81 14.36
N GLU A 26 -32.29 -14.68 15.62
N GLU A 26 -32.31 -14.68 15.61
CA GLU A 26 -33.11 -14.17 16.73
CA GLU A 26 -33.22 -14.25 16.67
C GLU A 26 -33.71 -12.81 16.40
C GLU A 26 -33.71 -12.81 16.41
N LYS A 27 -32.92 -12.00 15.67
CA LYS A 27 -33.34 -10.64 15.27
C LYS A 27 -34.11 -10.56 13.95
N ASN A 28 -34.42 -11.69 13.35
CA ASN A 28 -35.23 -11.75 12.13
C ASN A 28 -34.60 -10.90 11.02
N THR A 29 -33.28 -10.97 10.95
CA THR A 29 -32.55 -10.24 9.93
C THR A 29 -31.60 -11.20 9.22
N SER A 30 -31.14 -10.75 8.06
CA SER A 30 -30.15 -11.42 7.27
C SER A 30 -28.85 -10.66 7.45
N GLY A 31 -27.79 -11.32 7.90
CA GLY A 31 -26.51 -10.66 8.00
C GLY A 31 -25.29 -11.56 7.94
N VAL A 32 -24.15 -10.92 7.79
CA VAL A 32 -22.86 -11.56 7.77
C VAL A 32 -21.87 -10.78 8.61
N LEU A 33 -20.99 -11.51 9.29
CA LEU A 33 -19.83 -10.93 9.96
C LEU A 33 -18.58 -11.54 9.32
N VAL A 34 -17.73 -10.67 8.77
CA VAL A 34 -16.50 -11.06 8.11
C VAL A 34 -15.35 -10.70 9.05
N ILE A 35 -14.48 -11.67 9.33
CA ILE A 35 -13.35 -11.49 10.24
C ILE A 35 -12.06 -11.77 9.48
N GLN A 36 -11.11 -10.84 9.56
CA GLN A 36 -9.80 -11.05 8.94
C GLN A 36 -8.70 -11.02 9.98
N THR A 37 -7.98 -12.12 10.07
CA THR A 37 -6.77 -12.23 10.89
C THR A 37 -5.69 -12.75 9.99
N ASP A 38 -4.48 -12.22 10.08
CA ASP A 38 -3.32 -12.79 9.34
C ASP A 38 -3.67 -12.98 7.84
N LYS A 39 -3.55 -14.20 7.30
CA LYS A 39 -3.95 -14.53 5.91
C LYS A 39 -5.29 -15.32 5.80
N LYS A 40 -6.20 -15.14 6.76
CA LYS A 40 -7.47 -15.87 6.82
C LYS A 40 -8.63 -14.87 6.93
N ILE A 41 -9.64 -15.06 6.09
CA ILE A 41 -10.92 -14.43 6.23
C ILE A 41 -11.94 -15.51 6.58
N ASN A 42 -12.63 -15.30 7.69
CA ASN A 42 -13.73 -16.19 8.10
C ASN A 42 -15.10 -15.50 8.03
N LEU A 43 -16.11 -16.25 7.63
CA LEU A 43 -17.47 -15.72 7.50
C LEU A 43 -18.39 -16.33 8.55
N TYR A 44 -19.21 -15.48 9.17
CA TYR A 44 -20.17 -15.92 10.18
C TYR A 44 -21.51 -15.25 9.93
N GLY A 45 -22.56 -15.81 10.53
CA GLY A 45 -23.89 -15.24 10.40
C GLY A 45 -24.87 -16.15 9.72
N ASN A 46 -26.00 -15.59 9.28
CA ASN A 46 -27.06 -16.42 8.68
C ASN A 46 -27.26 -16.15 7.17
N ALA A 47 -26.48 -15.24 6.58
CA ALA A 47 -26.61 -14.96 5.14
C ALA A 47 -25.23 -14.72 4.58
N LEU A 48 -24.47 -15.81 4.44
CA LEU A 48 -23.03 -15.65 4.11
C LEU A 48 -22.84 -15.12 2.68
N SER A 49 -23.83 -15.31 1.81
CA SER A 49 -23.77 -14.77 0.44
C SER A 49 -23.66 -13.23 0.40
N ARG A 50 -24.11 -12.55 1.46
CA ARG A 50 -23.91 -11.11 1.54
C ARG A 50 -22.41 -10.70 1.52
N ALA A 51 -21.49 -11.58 1.93
CA ALA A 51 -20.06 -11.23 2.00
C ALA A 51 -19.46 -10.86 0.63
N ASN A 52 -19.96 -11.45 -0.44
CA ASN A 52 -19.57 -11.13 -1.84
C ASN A 52 -20.61 -10.29 -2.60
N THR A 53 -21.56 -9.68 -1.88
CA THR A 53 -22.60 -8.85 -2.51
C THR A 53 -22.20 -7.40 -2.36
N GLU A 54 -22.44 -6.60 -3.39
CA GLU A 54 -22.07 -5.17 -3.40
C GLU A 54 -23.18 -4.34 -2.77
N TYR A 55 -22.82 -3.42 -1.88
CA TYR A 55 -23.77 -2.50 -1.24
C TYR A 55 -23.17 -1.11 -1.26
N VAL A 56 -24.01 -0.09 -1.21
CA VAL A 56 -23.46 1.26 -0.96
C VAL A 56 -22.69 1.23 0.38
N PRO A 57 -21.56 1.96 0.47
CA PRO A 57 -20.78 1.94 1.70
C PRO A 57 -21.48 2.76 2.79
N ALA A 58 -22.39 3.64 2.37
CA ALA A 58 -23.00 4.65 3.22
C ALA A 58 -21.90 5.35 4.05
N SER A 59 -22.13 5.60 5.35
CA SER A 59 -21.18 6.38 6.12
C SER A 59 -19.81 5.71 6.38
N THR A 60 -19.63 4.42 6.09
CA THR A 60 -18.32 3.81 6.13
C THR A 60 -17.33 4.51 5.21
N PHE A 61 -17.83 5.19 4.17
CA PHE A 61 -16.94 5.89 3.25
C PHE A 61 -16.22 7.06 3.90
N ASP A 62 -16.77 7.55 5.02
CA ASP A 62 -16.14 8.67 5.73
C ASP A 62 -14.65 8.38 6.05
N MET A 63 -14.28 7.12 6.28
CA MET A 63 -12.90 6.74 6.55
C MET A 63 -12.03 7.10 5.33
N LEU A 64 -12.49 6.73 4.12
CA LEU A 64 -11.71 7.05 2.92
C LEU A 64 -11.78 8.57 2.54
N ASN A 65 -12.93 9.19 2.75
CA ASN A 65 -13.11 10.62 2.52
C ASN A 65 -12.11 11.36 3.38
N ALA A 66 -12.04 11.01 4.67
CA ALA A 66 -11.06 11.66 5.58
C ALA A 66 -9.61 11.49 5.11
N LEU A 67 -9.23 10.27 4.72
CA LEU A 67 -7.89 9.99 4.21
C LEU A 67 -7.50 10.88 3.01
N ILE A 68 -8.44 10.97 2.06
CA ILE A 68 -8.20 11.76 0.85
C ILE A 68 -8.10 13.24 1.19
N GLY A 69 -8.97 13.69 2.07
CA GLY A 69 -8.99 15.11 2.39
C GLY A 69 -7.78 15.53 3.14
N LEU A 70 -7.33 14.72 4.09
CA LEU A 70 -6.14 15.07 4.86
C LEU A 70 -4.90 14.95 4.00
N GLU A 71 -4.83 13.89 3.21
CA GLU A 71 -3.64 13.70 2.36
C GLU A 71 -3.44 14.85 1.39
N ASN A 72 -4.53 15.36 0.84
CA ASN A 72 -4.47 16.46 -0.11
C ASN A 72 -4.57 17.84 0.53
N GLN A 73 -4.47 17.91 1.85
CA GLN A 73 -4.46 19.18 2.59
C GLN A 73 -5.70 20.06 2.33
N LYS A 74 -6.85 19.41 2.20
CA LYS A 74 -8.16 20.10 2.08
C LYS A 74 -8.76 20.40 3.44
N THR A 75 -8.23 19.78 4.47
CA THR A 75 -8.63 20.03 5.83
C THR A 75 -7.47 19.54 6.70
N ASP A 76 -7.61 19.67 7.99
CA ASP A 76 -6.64 19.17 8.98
C ASP A 76 -7.41 18.75 10.20
N ILE A 77 -6.76 18.09 11.17
CA ILE A 77 -7.51 17.47 12.28
C ILE A 77 -8.00 18.45 13.30
N ASN A 78 -7.46 19.66 13.27
CA ASN A 78 -7.93 20.71 14.17
C ASN A 78 -8.99 21.67 13.61
N GLU A 79 -9.27 21.60 12.31
CA GLU A 79 -10.23 22.50 11.72
C GLU A 79 -11.60 22.32 12.35
N ILE A 80 -12.23 23.44 12.65
CA ILE A 80 -13.60 23.42 13.15
C ILE A 80 -14.52 23.78 11.99
N PHE A 81 -15.38 22.83 11.61
CA PHE A 81 -16.38 23.05 10.55
C PHE A 81 -17.59 23.68 11.26
N LYS A 82 -17.99 24.87 10.85
CA LYS A 82 -18.86 25.74 11.66
C LYS A 82 -20.36 25.38 11.49
N ARG A 88 -30.75 20.50 9.69
CA ARG A 88 -30.10 19.21 9.44
C ARG A 88 -30.97 18.05 9.93
N LEU A 89 -30.69 16.86 9.40
CA LEU A 89 -31.50 15.67 9.67
C LEU A 89 -31.56 15.35 11.16
N PHE A 90 -30.46 15.54 11.86
CA PHE A 90 -30.40 15.31 13.28
C PHE A 90 -29.97 16.61 13.94
N THR A 91 -30.62 16.95 15.06
CA THR A 91 -30.21 18.07 15.91
C THR A 91 -28.78 17.89 16.45
N ALA A 92 -28.38 16.66 16.73
CA ALA A 92 -27.01 16.33 17.13
C ALA A 92 -25.90 16.80 16.15
N TRP A 93 -26.25 16.98 14.88
CA TRP A 93 -25.31 17.51 13.86
C TRP A 93 -25.27 19.03 13.81
N GLU A 94 -26.16 19.71 14.54
CA GLU A 94 -26.41 21.14 14.25
C GLU A 94 -25.46 22.07 15.01
N LYS A 95 -24.17 21.80 14.91
CA LYS A 95 -23.17 22.46 15.73
C LYS A 95 -21.83 22.44 15.06
N ASP A 96 -20.95 23.31 15.53
CA ASP A 96 -19.54 23.35 15.11
C ASP A 96 -18.85 22.08 15.53
N MET A 97 -18.03 21.49 14.66
CA MET A 97 -17.28 20.28 15.02
C MET A 97 -16.06 20.02 14.14
N THR A 98 -15.14 19.23 14.66
CA THR A 98 -13.98 18.78 13.93
C THR A 98 -14.31 17.59 13.05
N LEU A 99 -13.37 17.25 12.17
CA LEU A 99 -13.53 16.07 11.35
C LEU A 99 -13.67 14.80 12.19
N GLY A 100 -12.90 14.70 13.27
CA GLY A 100 -13.00 13.56 14.17
C GLY A 100 -14.33 13.44 14.91
N GLU A 101 -14.86 14.58 15.34
CA GLU A 101 -16.19 14.60 15.94
C GLU A 101 -17.29 14.25 14.89
N ALA A 102 -17.12 14.72 13.64
CA ALA A 102 -18.03 14.36 12.58
C ALA A 102 -17.98 12.85 12.30
N MET A 103 -16.80 12.25 12.44
CA MET A 103 -16.63 10.79 12.28
C MET A 103 -17.45 10.05 13.31
N LYS A 104 -17.31 10.48 14.56
CA LYS A 104 -18.02 9.85 15.68
C LYS A 104 -19.52 9.95 15.56
N LEU A 105 -20.01 11.12 15.13
CA LEU A 105 -21.46 11.39 14.98
C LEU A 105 -22.05 10.99 13.61
N SER A 106 -21.20 10.52 12.70
N SER A 106 -21.20 10.52 12.70
CA SER A 106 -21.56 10.30 11.29
CA SER A 106 -21.55 10.29 11.29
C SER A 106 -22.30 11.48 10.70
C SER A 106 -22.30 11.48 10.69
N ALA A 107 -21.71 12.67 10.87
CA ALA A 107 -22.32 13.90 10.43
C ALA A 107 -22.12 14.05 8.93
N VAL A 108 -23.09 13.53 8.18
CA VAL A 108 -23.10 13.56 6.72
C VAL A 108 -22.78 14.96 6.11
N PRO A 109 -23.39 16.03 6.62
CA PRO A 109 -23.09 17.33 6.00
C PRO A 109 -21.64 17.79 6.10
N VAL A 110 -20.93 17.40 7.14
CA VAL A 110 -19.52 17.71 7.26
C VAL A 110 -18.71 16.94 6.20
N TYR A 111 -19.01 15.66 6.06
CA TYR A 111 -18.39 14.87 5.00
C TYR A 111 -18.78 15.30 3.59
N GLN A 112 -19.98 15.79 3.39
CA GLN A 112 -20.38 16.36 2.09
C GLN A 112 -19.59 17.64 1.78
N GLU A 113 -19.44 18.50 2.78
CA GLU A 113 -18.57 19.70 2.62
C GLU A 113 -17.14 19.33 2.26
N LEU A 114 -16.55 18.35 2.95
CA LEU A 114 -15.22 17.86 2.62
C LEU A 114 -15.15 17.31 1.19
N ALA A 115 -16.10 16.47 0.80
CA ALA A 115 -16.13 15.95 -0.55
C ALA A 115 -16.17 17.04 -1.64
N ARG A 116 -16.98 18.08 -1.43
CA ARG A 116 -17.01 19.22 -2.37
C ARG A 116 -15.68 19.97 -2.44
N ARG A 117 -14.94 20.03 -1.33
CA ARG A 117 -13.60 20.66 -1.33
C ARG A 117 -12.62 19.83 -2.12
N ILE A 118 -12.66 18.52 -1.91
CA ILE A 118 -11.82 17.58 -2.66
C ILE A 118 -12.10 17.77 -4.16
N GLY A 119 -13.39 17.78 -4.53
CA GLY A 119 -13.83 17.96 -5.90
C GLY A 119 -13.87 16.63 -6.62
N LEU A 120 -14.63 16.58 -7.72
CA LEU A 120 -14.89 15.33 -8.44
C LEU A 120 -13.62 14.73 -9.06
N ASP A 121 -12.77 15.57 -9.68
CA ASP A 121 -11.56 15.13 -10.39
C ASP A 121 -10.63 14.36 -9.40
N LEU A 122 -10.31 15.00 -8.29
CA LEU A 122 -9.43 14.38 -7.28
C LEU A 122 -10.04 13.16 -6.64
N MET A 123 -11.33 13.25 -6.30
CA MET A 123 -12.05 12.16 -5.69
C MET A 123 -12.05 10.92 -6.57
N GLN A 124 -12.40 11.06 -7.84
CA GLN A 124 -12.38 9.89 -8.75
C GLN A 124 -10.97 9.32 -8.91
N LYS A 125 -9.98 10.19 -9.00
CA LYS A 125 -8.57 9.77 -9.18
C LYS A 125 -8.14 8.96 -7.94
N GLU A 126 -8.52 9.43 -6.75
CA GLU A 126 -8.10 8.78 -5.50
C GLU A 126 -8.84 7.47 -5.25
N VAL A 127 -10.16 7.46 -5.45
CA VAL A 127 -10.92 6.22 -5.26
C VAL A 127 -10.46 5.13 -6.25
N LYS A 128 -10.14 5.51 -7.48
CA LYS A 128 -9.61 4.55 -8.47
C LYS A 128 -8.20 4.04 -8.08
N ARG A 129 -7.36 4.96 -7.59
CA ARG A 129 -6.00 4.58 -7.13
C ARG A 129 -6.08 3.57 -5.99
N ILE A 130 -6.96 3.81 -5.01
CA ILE A 130 -7.15 2.89 -3.89
C ILE A 130 -7.84 1.59 -4.39
N GLY A 131 -8.76 1.72 -5.34
CA GLY A 131 -9.54 0.55 -5.85
C GLY A 131 -10.65 0.17 -4.89
N PHE A 132 -11.29 1.18 -4.30
CA PHE A 132 -12.31 0.89 -3.29
C PHE A 132 -13.61 0.43 -3.94
N GLY A 133 -13.94 -0.84 -3.72
CA GLY A 133 -15.14 -1.39 -4.27
C GLY A 133 -15.15 -1.36 -5.76
N ASN A 134 -16.27 -0.96 -6.36
CA ASN A 134 -16.34 -0.83 -7.82
C ASN A 134 -15.67 0.44 -8.34
N ALA A 135 -15.27 1.31 -7.42
CA ALA A 135 -14.56 2.58 -7.73
C ALA A 135 -15.29 3.49 -8.71
N GLU A 136 -16.62 3.44 -8.70
CA GLU A 136 -17.44 4.31 -9.55
C GLU A 136 -18.00 5.44 -8.70
N ILE A 137 -17.67 6.68 -9.02
CA ILE A 137 -18.30 7.77 -8.28
C ILE A 137 -19.34 8.62 -9.07
N GLY A 138 -19.40 8.43 -10.38
CA GLY A 138 -20.37 9.18 -11.23
C GLY A 138 -20.08 10.66 -11.21
N GLN A 139 -21.12 11.46 -11.28
CA GLN A 139 -20.98 12.90 -11.51
C GLN A 139 -21.33 13.81 -10.33
N GLN A 140 -21.95 13.25 -9.28
CA GLN A 140 -22.33 13.99 -8.05
C GLN A 140 -21.33 13.70 -6.94
N VAL A 141 -20.38 14.62 -6.72
CA VAL A 141 -19.31 14.38 -5.74
C VAL A 141 -19.81 14.29 -4.28
N ASP A 142 -20.99 14.84 -4.00
CA ASP A 142 -21.47 14.94 -2.62
C ASP A 142 -22.38 13.83 -2.10
N ASN A 143 -22.67 12.81 -2.90
CA ASN A 143 -23.57 11.74 -2.44
C ASN A 143 -23.37 10.35 -3.05
N PHE A 144 -22.28 10.15 -3.79
CA PHE A 144 -22.02 8.88 -4.45
C PHE A 144 -21.87 7.68 -3.54
N TRP A 145 -21.46 7.91 -2.29
CA TRP A 145 -21.27 6.86 -1.28
C TRP A 145 -22.59 6.55 -0.53
N LEU A 146 -23.61 7.40 -0.72
CA LEU A 146 -24.90 7.23 -0.04
C LEU A 146 -25.97 6.55 -0.91
N VAL A 147 -26.07 6.94 -2.18
CA VAL A 147 -27.13 6.47 -3.05
C VAL A 147 -26.60 5.75 -4.30
N GLY A 148 -25.31 5.43 -4.34
CA GLY A 148 -24.69 4.89 -5.58
C GLY A 148 -24.11 6.00 -6.44
N PRO A 149 -23.27 5.69 -7.43
CA PRO A 149 -23.09 4.34 -7.96
C PRO A 149 -21.98 3.56 -7.24
N LEU A 150 -21.25 4.19 -6.32
CA LEU A 150 -20.21 3.47 -5.55
C LEU A 150 -20.80 2.33 -4.71
N LYS A 151 -20.28 1.13 -4.93
CA LYS A 151 -20.68 -0.06 -4.16
C LYS A 151 -19.45 -0.84 -3.78
N VAL A 152 -19.57 -1.57 -2.68
CA VAL A 152 -18.44 -2.29 -2.08
C VAL A 152 -18.98 -3.54 -1.38
N THR A 153 -18.23 -4.64 -1.42
CA THR A 153 -18.60 -5.85 -0.69
C THR A 153 -18.07 -5.83 0.75
N PRO A 154 -18.70 -6.61 1.64
CA PRO A 154 -18.15 -6.73 2.99
C PRO A 154 -16.74 -7.27 3.05
N ILE A 155 -16.38 -8.21 2.18
CA ILE A 155 -15.00 -8.68 2.08
C ILE A 155 -14.07 -7.54 1.69
N GLN A 156 -14.48 -6.72 0.72
CA GLN A 156 -13.64 -5.59 0.32
C GLN A 156 -13.49 -4.59 1.47
N GLU A 157 -14.55 -4.39 2.24
CA GLU A 157 -14.47 -3.47 3.36
C GLU A 157 -13.53 -3.98 4.44
N VAL A 158 -13.56 -5.28 4.76
CA VAL A 158 -12.66 -5.79 5.78
C VAL A 158 -11.17 -5.69 5.33
N GLU A 159 -10.94 -5.89 4.04
CA GLU A 159 -9.59 -5.80 3.51
C GLU A 159 -9.06 -4.35 3.60
N PHE A 160 -9.92 -3.39 3.25
CA PHE A 160 -9.61 -1.98 3.37
C PHE A 160 -9.29 -1.59 4.81
N VAL A 161 -10.15 -1.93 5.76
CA VAL A 161 -9.95 -1.52 7.11
C VAL A 161 -8.79 -2.26 7.76
N SER A 162 -8.52 -3.50 7.35
CA SER A 162 -7.34 -4.17 7.84
C SER A 162 -6.05 -3.45 7.37
N GLN A 163 -6.06 -2.95 6.13
CA GLN A 163 -4.90 -2.20 5.62
C GLN A 163 -4.77 -0.88 6.39
N LEU A 164 -5.90 -0.23 6.68
CA LEU A 164 -5.84 1.04 7.49
C LEU A 164 -5.20 0.74 8.87
N ALA A 165 -5.71 -0.30 9.55
CA ALA A 165 -5.23 -0.67 10.87
C ALA A 165 -3.72 -0.98 10.91
N HIS A 166 -3.21 -1.63 9.86
CA HIS A 166 -1.81 -1.95 9.71
C HIS A 166 -0.96 -0.82 9.05
N THR A 167 -1.56 0.33 8.74
CA THR A 167 -0.88 1.46 8.07
C THR A 167 -0.30 1.02 6.71
N GLN A 168 -1.05 0.19 6.01
CA GLN A 168 -0.65 -0.34 4.69
C GLN A 168 -1.39 0.30 3.52
N LEU A 169 -2.29 1.24 3.76
CA LEU A 169 -2.93 1.96 2.61
C LEU A 169 -1.91 2.90 1.96
N PRO A 170 -2.15 3.32 0.72
CA PRO A 170 -1.16 4.14 0.01
C PRO A 170 -1.38 5.63 0.28
N PHE A 171 -1.28 5.97 1.57
CA PHE A 171 -1.34 7.32 2.09
C PHE A 171 -0.20 7.48 3.09
N SER A 172 0.08 8.73 3.47
CA SER A 172 1.11 8.96 4.43
C SER A 172 0.79 8.25 5.74
N GLU A 173 1.84 7.85 6.42
CA GLU A 173 1.72 7.19 7.71
C GLU A 173 0.99 8.07 8.75
N LYS A 174 1.33 9.37 8.76
CA LYS A 174 0.69 10.28 9.71
C LYS A 174 -0.77 10.47 9.42
N VAL A 175 -1.16 10.53 8.15
CA VAL A 175 -2.56 10.68 7.79
C VAL A 175 -3.35 9.43 8.23
N GLN A 176 -2.79 8.27 7.97
CA GLN A 176 -3.44 7.03 8.41
C GLN A 176 -3.55 6.98 9.95
N ALA A 177 -2.51 7.37 10.65
CA ALA A 177 -2.55 7.42 12.13
C ALA A 177 -3.65 8.39 12.59
N ASN A 178 -3.75 9.56 11.93
CA ASN A 178 -4.78 10.55 12.31
C ASN A 178 -6.21 10.03 12.11
N VAL A 179 -6.46 9.29 11.05
CA VAL A 179 -7.78 8.74 10.79
C VAL A 179 -8.08 7.60 11.74
N LYS A 180 -7.10 6.74 12.01
CA LYS A 180 -7.27 5.68 13.04
C LYS A 180 -7.71 6.27 14.39
N ASN A 181 -7.09 7.37 14.76
CA ASN A 181 -7.42 7.98 16.03
C ASN A 181 -8.83 8.54 16.12
N MET A 182 -9.48 8.80 15.00
CA MET A 182 -10.88 9.26 14.98
C MET A 182 -11.87 8.15 15.18
N LEU A 183 -11.41 6.91 15.08
CA LEU A 183 -12.29 5.72 14.98
C LEU A 183 -12.45 4.88 16.24
N LEU A 184 -11.89 5.31 17.35
CA LEU A 184 -11.91 4.51 18.57
C LEU A 184 -13.35 4.51 19.14
N LEU A 185 -13.95 3.34 19.26
CA LEU A 185 -15.36 3.17 19.69
C LEU A 185 -15.48 2.77 21.14
N GLU A 186 -14.73 1.75 21.55
CA GLU A 186 -14.78 1.22 22.92
C GLU A 186 -13.41 0.66 23.31
N GLU A 187 -13.17 0.62 24.62
CA GLU A 187 -12.08 -0.19 25.14
C GLU A 187 -12.31 -0.65 26.55
N SER A 188 -11.72 -1.80 26.85
CA SER A 188 -11.86 -2.44 28.17
C SER A 188 -10.90 -3.61 28.21
N ASN A 189 -10.33 -3.86 29.40
CA ASN A 189 -9.39 -4.96 29.62
C ASN A 189 -8.19 -4.92 28.65
N GLY A 190 -7.73 -3.71 28.31
CA GLY A 190 -6.67 -3.54 27.32
C GLY A 190 -6.99 -3.77 25.84
N TYR A 191 -8.20 -4.22 25.50
CA TYR A 191 -8.62 -4.43 24.10
C TYR A 191 -9.28 -3.16 23.60
N LYS A 192 -8.88 -2.66 22.44
CA LYS A 192 -9.53 -1.49 21.84
C LYS A 192 -10.32 -1.87 20.61
N ILE A 193 -11.49 -1.27 20.43
CA ILE A 193 -12.34 -1.55 19.26
C ILE A 193 -12.49 -0.25 18.50
N PHE A 194 -12.02 -0.28 17.27
CA PHE A 194 -12.09 0.84 16.36
C PHE A 194 -13.13 0.49 15.33
N GLY A 195 -13.83 1.50 14.85
CA GLY A 195 -14.66 1.28 13.68
C GLY A 195 -15.58 2.39 13.30
N LYS A 196 -16.36 2.15 12.24
CA LYS A 196 -17.31 3.10 11.67
C LYS A 196 -18.63 2.39 11.29
N THR A 197 -19.74 2.94 11.73
CA THR A 197 -21.06 2.49 11.33
C THR A 197 -21.52 3.14 10.04
N GLY A 198 -22.49 2.50 9.42
CA GLY A 198 -23.25 3.08 8.32
C GLY A 198 -24.62 2.45 8.22
N TRP A 199 -25.57 3.20 7.69
CA TRP A 199 -26.90 2.72 7.51
C TRP A 199 -27.50 3.48 6.34
N ALA A 200 -27.98 2.74 5.34
CA ALA A 200 -28.65 3.36 4.21
C ALA A 200 -30.11 3.02 4.39
N MET A 201 -30.86 4.07 4.75
CA MET A 201 -32.25 3.99 5.15
C MET A 201 -33.06 4.44 3.94
N ASN A 202 -34.37 4.35 4.06
CA ASN A 202 -35.30 4.79 3.01
C ASN A 202 -34.98 4.25 1.60
N ILE A 203 -34.52 2.99 1.52
CA ILE A 203 -34.36 2.24 0.24
C ILE A 203 -35.16 0.92 0.34
N LYS A 204 -35.22 0.09 -0.73
CA LYS A 204 -36.04 -1.14 -0.72
C LYS A 204 -35.58 -2.25 0.26
N SER A 205 -34.26 -2.43 0.41
CA SER A 205 -33.67 -3.24 1.50
C SER A 205 -32.61 -2.38 2.23
N GLN A 206 -32.86 -2.08 3.50
CA GLN A 206 -31.95 -1.19 4.25
C GLN A 206 -30.67 -1.96 4.54
N VAL A 207 -29.50 -1.34 4.38
CA VAL A 207 -28.23 -2.00 4.73
C VAL A 207 -27.58 -1.30 5.92
N GLY A 208 -27.11 -2.11 6.85
CA GLY A 208 -26.39 -1.66 8.04
C GLY A 208 -24.98 -2.21 8.06
N TRP A 209 -24.04 -1.35 8.38
CA TRP A 209 -22.63 -1.67 8.42
C TRP A 209 -22.04 -1.35 9.80
N LEU A 210 -21.09 -2.15 10.20
CA LEU A 210 -20.12 -1.79 11.25
C LEU A 210 -18.78 -2.44 10.89
N THR A 211 -17.83 -1.60 10.48
CA THR A 211 -16.57 -2.07 9.89
C THR A 211 -15.41 -1.47 10.69
N GLY A 212 -14.45 -2.28 11.06
CA GLY A 212 -13.43 -1.83 11.98
C GLY A 212 -12.40 -2.86 12.36
N TRP A 213 -11.81 -2.71 13.53
CA TRP A 213 -10.85 -3.71 13.99
C TRP A 213 -10.71 -3.68 15.51
N VAL A 214 -10.25 -4.81 16.04
CA VAL A 214 -9.87 -4.94 17.42
C VAL A 214 -8.35 -4.89 17.51
N GLU A 215 -7.83 -4.07 18.40
CA GLU A 215 -6.42 -4.07 18.74
C GLU A 215 -6.28 -4.75 20.10
N GLN A 216 -5.67 -5.92 20.09
CA GLN A 216 -5.43 -6.69 21.31
C GLN A 216 -4.27 -6.12 22.14
N PRO A 217 -4.17 -6.53 23.42
CA PRO A 217 -3.13 -5.91 24.30
C PRO A 217 -1.67 -5.95 23.76
N ASP A 218 -1.29 -7.07 23.13
CA ASP A 218 0.01 -7.20 22.44
C ASP A 218 0.15 -6.47 21.09
N GLY A 219 -0.88 -5.75 20.67
CA GLY A 219 -0.83 -5.05 19.42
C GLY A 219 -1.41 -5.82 18.24
N LYS A 220 -1.73 -7.11 18.42
CA LYS A 220 -2.35 -7.88 17.34
C LYS A 220 -3.67 -7.27 16.88
N ILE A 221 -3.87 -7.27 15.56
CA ILE A 221 -5.06 -6.68 14.94
C ILE A 221 -5.99 -7.78 14.40
N VAL A 222 -7.26 -7.71 14.77
CA VAL A 222 -8.31 -8.54 14.15
C VAL A 222 -9.36 -7.60 13.52
N ALA A 223 -9.43 -7.60 12.19
CA ALA A 223 -10.38 -6.74 11.45
C ALA A 223 -11.74 -7.38 11.25
N PHE A 224 -12.76 -6.55 11.19
CA PHE A 224 -14.13 -7.05 11.00
C PHE A 224 -14.95 -6.16 10.05
N ALA A 225 -15.94 -6.75 9.42
CA ALA A 225 -17.01 -6.04 8.74
C ALA A 225 -18.32 -6.76 8.98
N LEU A 226 -19.22 -6.09 9.71
CA LEU A 226 -20.56 -6.56 9.93
C LEU A 226 -21.48 -5.89 8.88
N ASN A 227 -22.26 -6.70 8.20
CA ASN A 227 -23.17 -6.20 7.15
C ASN A 227 -24.49 -6.91 7.31
N MET A 228 -25.55 -6.15 7.52
CA MET A 228 -26.89 -6.75 7.80
C MET A 228 -28.03 -5.95 7.21
N GLU A 229 -29.16 -6.61 7.05
CA GLU A 229 -30.39 -5.95 6.68
C GLU A 229 -30.95 -5.25 7.91
N MET A 230 -31.24 -3.96 7.82
CA MET A 230 -31.81 -3.20 8.93
C MET A 230 -33.31 -3.05 8.79
N ARG A 231 -34.01 -2.79 9.90
CA ARG A 231 -35.38 -2.33 9.90
C ARG A 231 -35.46 -0.99 10.64
N SER A 232 -36.39 -0.13 10.24
CA SER A 232 -36.62 1.18 10.89
C SER A 232 -36.92 1.04 12.40
N GLU A 233 -37.56 -0.05 12.81
CA GLU A 233 -37.84 -0.29 14.25
C GLU A 233 -36.59 -0.60 15.11
N MET A 234 -35.46 -0.94 14.48
CA MET A 234 -34.26 -1.28 15.24
C MET A 234 -33.62 -0.04 15.84
N PRO A 235 -33.00 -0.17 17.03
CA PRO A 235 -32.06 0.85 17.49
C PRO A 235 -30.78 0.76 16.70
N ALA A 236 -30.13 1.91 16.44
CA ALA A 236 -28.85 1.97 15.72
C ALA A 236 -27.77 1.08 16.38
N SER A 237 -27.84 1.05 17.72
CA SER A 237 -26.91 0.32 18.58
C SER A 237 -27.02 -1.22 18.44
N ILE A 238 -28.00 -1.73 17.72
CA ILE A 238 -28.11 -3.19 17.49
C ILE A 238 -26.84 -3.72 16.76
N ARG A 239 -26.24 -2.87 15.96
CA ARG A 239 -25.04 -3.26 15.19
C ARG A 239 -23.90 -3.50 16.17
N ASN A 240 -23.66 -2.53 17.05
CA ASN A 240 -22.64 -2.65 18.06
CA ASN A 240 -22.62 -2.70 18.06
C ASN A 240 -22.90 -3.83 19.03
N GLU A 241 -24.16 -4.06 19.40
CA GLU A 241 -24.52 -5.10 20.34
C GLU A 241 -24.21 -6.50 19.75
N LEU A 242 -24.60 -6.67 18.51
CA LEU A 242 -24.39 -7.95 17.80
C LEU A 242 -22.89 -8.17 17.55
N LEU A 243 -22.18 -7.11 17.22
CA LEU A 243 -20.76 -7.22 17.03
C LEU A 243 -20.08 -7.65 18.33
N MET A 244 -20.37 -6.99 19.46
CA MET A 244 -19.67 -7.31 20.70
C MET A 244 -19.99 -8.71 21.19
N LYS A 245 -21.24 -9.13 21.09
CA LYS A 245 -21.63 -10.50 21.46
C LYS A 245 -20.85 -11.53 20.61
N SER A 246 -20.74 -11.25 19.34
CA SER A 246 -20.03 -12.13 18.38
C SER A 246 -18.52 -12.16 18.62
N LEU A 247 -17.91 -11.01 18.83
CA LEU A 247 -16.48 -10.98 19.12
C LEU A 247 -16.12 -11.68 20.41
N LYS A 248 -16.97 -11.58 21.45
CA LYS A 248 -16.76 -12.30 22.70
C LYS A 248 -16.87 -13.81 22.45
N GLN A 249 -17.90 -14.21 21.72
CA GLN A 249 -18.11 -15.62 21.37
C GLN A 249 -16.90 -16.21 20.66
N LEU A 250 -16.27 -15.42 19.80
CA LEU A 250 -15.06 -15.87 19.07
C LEU A 250 -13.75 -15.73 19.86
N ASN A 251 -13.82 -15.28 21.12
CA ASN A 251 -12.64 -14.95 21.95
C ASN A 251 -11.65 -13.94 21.36
N ILE A 252 -12.17 -13.03 20.55
CA ILE A 252 -11.36 -11.96 19.94
C ILE A 252 -11.24 -10.81 20.96
N ILE A 253 -12.29 -10.64 21.77
CA ILE A 253 -12.27 -9.82 22.99
C ILE A 253 -12.75 -10.65 24.18
N GLN B 11 -0.56 -14.53 -10.91
CA GLN B 11 0.00 -15.52 -11.87
C GLN B 11 1.49 -15.21 -12.18
N ILE B 12 2.39 -16.07 -11.70
CA ILE B 12 3.82 -16.00 -12.01
C ILE B 12 4.07 -17.16 -12.93
N VAL B 13 4.61 -16.88 -14.11
CA VAL B 13 4.86 -17.97 -15.10
C VAL B 13 5.91 -17.61 -16.15
N GLN B 14 6.57 -18.61 -16.70
CA GLN B 14 7.54 -18.37 -17.75
C GLN B 14 6.83 -17.72 -18.94
N GLY B 15 7.34 -16.61 -19.45
CA GLY B 15 6.83 -16.02 -20.67
C GLY B 15 7.27 -16.72 -21.93
N HIS B 16 6.98 -16.10 -23.08
CA HIS B 16 7.44 -16.61 -24.38
C HIS B 16 8.92 -16.26 -24.45
N ASN B 17 9.77 -17.27 -24.22
CA ASN B 17 11.15 -17.06 -23.83
C ASN B 17 12.20 -17.67 -24.77
N GLN B 18 11.82 -18.16 -25.93
CA GLN B 18 12.87 -18.75 -26.82
C GLN B 18 13.92 -17.71 -27.23
N VAL B 19 13.44 -16.51 -27.57
CA VAL B 19 14.34 -15.50 -28.10
C VAL B 19 15.18 -14.88 -26.98
N ILE B 20 14.53 -14.54 -25.86
CA ILE B 20 15.24 -13.90 -24.80
C ILE B 20 16.23 -14.86 -24.12
N HIS B 21 15.91 -16.15 -24.08
CA HIS B 21 16.83 -17.12 -23.50
C HIS B 21 18.15 -17.05 -24.28
N GLN B 22 18.00 -17.01 -25.60
CA GLN B 22 19.14 -16.95 -26.51
C GLN B 22 19.94 -15.64 -26.34
N TYR B 23 19.26 -14.51 -26.16
CA TYR B 23 19.99 -13.27 -25.85
C TYR B 23 20.88 -13.39 -24.62
N PHE B 24 20.37 -13.99 -23.54
CA PHE B 24 21.18 -14.16 -22.34
C PHE B 24 22.35 -15.12 -22.57
N ASP B 25 22.13 -16.25 -23.28
CA ASP B 25 23.24 -17.11 -23.64
C ASP B 25 24.33 -16.41 -24.48
N GLU B 26 23.90 -15.63 -25.48
CA GLU B 26 24.81 -14.97 -26.40
C GLU B 26 25.70 -13.96 -25.66
N LYS B 27 25.27 -13.45 -24.53
CA LYS B 27 26.06 -12.51 -23.72
C LYS B 27 26.87 -13.18 -22.61
N ASN B 28 26.90 -14.51 -22.60
CA ASN B 28 27.69 -15.27 -21.65
C ASN B 28 27.38 -14.90 -20.20
N THR B 29 26.08 -14.75 -19.94
CA THR B 29 25.63 -14.47 -18.57
C THR B 29 24.56 -15.46 -18.15
N SER B 30 24.34 -15.54 -16.84
CA SER B 30 23.30 -16.32 -16.22
C SER B 30 22.35 -15.33 -15.55
N GLY B 31 21.13 -15.20 -16.07
CA GLY B 31 20.23 -14.21 -15.53
C GLY B 31 18.76 -14.46 -15.77
N VAL B 32 17.96 -13.64 -15.09
CA VAL B 32 16.52 -13.62 -15.24
C VAL B 32 16.02 -12.21 -15.46
N LEU B 33 14.99 -12.09 -16.29
CA LEU B 33 14.24 -10.84 -16.45
C LEU B 33 12.80 -11.12 -16.02
N VAL B 34 12.34 -10.37 -15.03
CA VAL B 34 11.00 -10.50 -14.47
C VAL B 34 10.19 -9.29 -14.97
N ILE B 35 9.05 -9.54 -15.58
CA ILE B 35 8.21 -8.47 -16.15
C ILE B 35 6.84 -8.55 -15.50
N GLN B 36 6.37 -7.43 -14.96
CA GLN B 36 5.03 -7.37 -14.37
C GLN B 36 4.16 -6.37 -15.11
N THR B 37 3.08 -6.85 -15.64
CA THR B 37 2.01 -6.02 -16.23
C THR B 37 0.74 -6.39 -15.50
N ASP B 38 0.00 -5.38 -15.03
CA ASP B 38 -1.19 -5.62 -14.21
C ASP B 38 -0.90 -6.62 -13.06
N LYS B 39 -1.69 -7.71 -12.97
CA LYS B 39 -1.45 -8.81 -12.03
C LYS B 39 -0.88 -10.10 -12.69
N LYS B 40 -0.09 -9.94 -13.77
CA LYS B 40 0.64 -11.05 -14.40
C LYS B 40 2.15 -10.77 -14.37
N ILE B 41 2.90 -11.75 -13.89
CA ILE B 41 4.37 -11.69 -13.85
C ILE B 41 4.86 -12.78 -14.79
N ASN B 42 5.66 -12.36 -15.77
CA ASN B 42 6.31 -13.32 -16.66
C ASN B 42 7.84 -13.37 -16.42
N LEU B 43 8.41 -14.56 -16.60
CA LEU B 43 9.83 -14.78 -16.40
C LEU B 43 10.54 -15.07 -17.72
N TYR B 44 11.67 -14.41 -17.93
CA TYR B 44 12.49 -14.57 -19.15
C TYR B 44 13.96 -14.72 -18.79
N GLY B 45 14.76 -15.22 -19.73
CA GLY B 45 16.19 -15.38 -19.55
C GLY B 45 16.62 -16.83 -19.59
N ASN B 46 17.82 -17.10 -19.08
CA ASN B 46 18.41 -18.41 -19.15
C ASN B 46 18.63 -19.04 -17.79
N ALA B 47 18.26 -18.35 -16.70
CA ALA B 47 18.38 -18.93 -15.35
C ALA B 47 17.17 -18.54 -14.54
N LEU B 48 16.01 -19.15 -14.90
CA LEU B 48 14.74 -18.69 -14.35
C LEU B 48 14.63 -18.93 -12.84
N SER B 49 15.38 -19.88 -12.32
CA SER B 49 15.37 -20.18 -10.87
C SER B 49 15.87 -19.00 -10.04
N ARG B 50 16.65 -18.11 -10.66
CA ARG B 50 17.04 -16.87 -9.96
C ARG B 50 15.82 -16.01 -9.52
N ALA B 51 14.68 -16.11 -10.21
CA ALA B 51 13.52 -15.26 -9.90
C ALA B 51 12.98 -15.42 -8.47
N ASN B 52 13.09 -16.64 -7.94
CA ASN B 52 12.65 -17.02 -6.57
C ASN B 52 13.86 -17.14 -5.61
N THR B 53 15.06 -16.68 -6.00
CA THR B 53 16.25 -16.77 -5.17
C THR B 53 16.51 -15.42 -4.52
N GLU B 54 16.93 -15.44 -3.26
CA GLU B 54 17.16 -14.19 -2.48
C GLU B 54 18.57 -13.67 -2.73
N TYR B 55 18.72 -12.37 -2.98
CA TYR B 55 20.00 -11.70 -3.15
C TYR B 55 20.01 -10.41 -2.36
N VAL B 56 21.19 -9.95 -1.97
CA VAL B 56 21.27 -8.57 -1.43
C VAL B 56 20.71 -7.59 -2.48
N PRO B 57 19.97 -6.56 -2.04
CA PRO B 57 19.39 -5.61 -3.02
C PRO B 57 20.48 -4.69 -3.56
N ALA B 58 21.59 -4.59 -2.83
CA ALA B 58 22.64 -3.61 -3.09
C ALA B 58 22.03 -2.23 -3.34
N SER B 59 22.52 -1.46 -4.31
CA SER B 59 22.04 -0.10 -4.53
C SER B 59 20.55 0.07 -4.93
N THR B 60 19.85 -1.00 -5.31
CA THR B 60 18.44 -0.90 -5.55
C THR B 60 17.69 -0.46 -4.30
N PHE B 61 18.26 -0.71 -3.11
CA PHE B 61 17.60 -0.30 -1.87
C PHE B 61 17.54 1.20 -1.70
N ASP B 62 18.35 1.93 -2.44
CA ASP B 62 18.30 3.42 -2.39
C ASP B 62 16.87 3.97 -2.63
N MET B 63 16.06 3.26 -3.44
CA MET B 63 14.66 3.66 -3.69
C MET B 63 13.87 3.64 -2.38
N LEU B 64 13.99 2.53 -1.61
CA LEU B 64 13.30 2.47 -0.33
C LEU B 64 13.90 3.38 0.76
N ASN B 65 15.23 3.50 0.79
CA ASN B 65 15.92 4.40 1.70
C ASN B 65 15.40 5.81 1.48
N ALA B 66 15.37 6.26 0.22
CA ALA B 66 14.81 7.61 -0.09
C ALA B 66 13.36 7.80 0.37
N LEU B 67 12.50 6.81 0.11
CA LEU B 67 11.10 6.87 0.56
C LEU B 67 10.96 7.02 2.05
N ILE B 68 11.72 6.22 2.81
CA ILE B 68 11.67 6.25 4.28
C ILE B 68 12.20 7.60 4.80
N GLY B 69 13.24 8.07 4.20
CA GLY B 69 13.86 9.31 4.65
C GLY B 69 12.98 10.49 4.40
N LEU B 70 12.37 10.53 3.23
CA LEU B 70 11.48 11.64 2.90
C LEU B 70 10.21 11.56 3.69
N GLU B 71 9.65 10.35 3.81
CA GLU B 71 8.38 10.22 4.55
C GLU B 71 8.51 10.65 5.99
N ASN B 72 9.65 10.34 6.60
CA ASN B 72 9.88 10.68 7.98
C ASN B 72 10.56 12.05 8.16
N GLN B 73 10.66 12.81 7.08
CA GLN B 73 11.18 14.21 7.15
C GLN B 73 12.59 14.30 7.74
N LYS B 74 13.43 13.30 7.40
CA LYS B 74 14.84 13.31 7.78
C LYS B 74 15.70 14.05 6.75
N THR B 75 15.11 14.31 5.59
CA THR B 75 15.73 15.00 4.52
C THR B 75 14.60 15.56 3.66
N ASP B 76 14.97 16.26 2.62
CA ASP B 76 14.01 16.82 1.61
C ASP B 76 14.74 16.80 0.29
N ILE B 77 14.02 17.07 -0.81
CA ILE B 77 14.58 16.87 -2.15
C ILE B 77 15.58 17.94 -2.55
N ASN B 78 15.59 19.02 -1.84
CA ASN B 78 16.55 20.11 -2.09
C ASN B 78 17.82 20.10 -1.23
N GLU B 79 17.88 19.24 -0.22
CA GLU B 79 19.03 19.22 0.66
C GLU B 79 20.27 18.82 -0.14
N ILE B 80 21.35 19.53 0.12
CA ILE B 80 22.62 19.22 -0.47
C ILE B 80 23.46 18.47 0.56
N PHE B 81 23.78 17.20 0.27
CA PHE B 81 24.65 16.38 1.09
C PHE B 81 26.10 16.74 0.71
N LYS B 82 26.86 17.17 1.72
CA LYS B 82 28.18 17.78 1.48
C LYS B 82 29.29 16.73 1.42
N TRP B 83 30.19 16.88 0.45
CA TRP B 83 31.43 16.09 0.44
C TRP B 83 32.46 16.75 1.30
N LYS B 84 32.94 16.02 2.30
CA LYS B 84 33.96 16.57 3.23
C LYS B 84 35.42 16.54 2.76
N GLY B 85 35.68 16.01 1.59
CA GLY B 85 36.98 16.12 0.98
C GLY B 85 37.82 14.86 0.88
N GLU B 86 37.33 13.76 1.44
CA GLU B 86 38.05 12.50 1.49
C GLU B 86 37.88 11.79 0.18
N LYS B 87 38.84 10.96 -0.19
CA LYS B 87 38.74 10.17 -1.41
C LYS B 87 37.60 9.17 -1.28
N ARG B 88 36.78 9.08 -2.32
CA ARG B 88 35.68 8.11 -2.35
C ARG B 88 35.98 7.03 -3.35
N LEU B 89 35.17 5.97 -3.36
CA LEU B 89 35.41 4.82 -4.24
C LEU B 89 35.43 5.22 -5.71
N PHE B 90 34.55 6.15 -6.08
CA PHE B 90 34.51 6.66 -7.43
C PHE B 90 34.69 8.16 -7.39
N THR B 91 35.43 8.68 -8.37
CA THR B 91 35.66 10.12 -8.54
C THR B 91 34.34 10.88 -8.77
N ALA B 92 33.39 10.26 -9.47
CA ALA B 92 32.09 10.88 -9.74
C ALA B 92 31.30 11.22 -8.46
N TRP B 93 31.61 10.52 -7.34
CA TRP B 93 30.97 10.78 -6.04
C TRP B 93 31.61 11.92 -5.28
N GLU B 94 32.74 12.42 -5.75
CA GLU B 94 33.50 13.46 -5.02
C GLU B 94 32.97 14.86 -5.27
N LYS B 95 31.73 15.08 -4.81
CA LYS B 95 31.10 16.41 -4.91
C LYS B 95 29.92 16.47 -3.99
N ASP B 96 29.50 17.69 -3.69
CA ASP B 96 28.20 17.96 -3.02
C ASP B 96 27.08 17.51 -3.93
N MET B 97 26.05 16.87 -3.39
CA MET B 97 24.90 16.48 -4.21
C MET B 97 23.60 16.28 -3.46
N THR B 98 22.49 16.39 -4.20
CA THR B 98 21.17 16.12 -3.66
C THR B 98 20.90 14.62 -3.65
N LEU B 99 19.84 14.27 -2.96
CA LEU B 99 19.35 12.89 -2.96
C LEU B 99 19.10 12.35 -4.36
N GLY B 100 18.48 13.15 -5.21
CA GLY B 100 18.21 12.77 -6.58
C GLY B 100 19.47 12.54 -7.43
N GLU B 101 20.45 13.44 -7.27
CA GLU B 101 21.73 13.21 -7.93
C GLU B 101 22.47 11.97 -7.40
N ALA B 102 22.39 11.75 -6.08
CA ALA B 102 22.97 10.56 -5.49
C ALA B 102 22.27 9.28 -6.00
N MET B 103 20.98 9.39 -6.30
CA MET B 103 20.22 8.26 -6.87
C MET B 103 20.76 7.90 -8.23
N LYS B 104 20.96 8.93 -9.05
CA LYS B 104 21.46 8.74 -10.41
C LYS B 104 22.86 8.15 -10.44
N LEU B 105 23.72 8.63 -9.55
CA LEU B 105 25.12 8.17 -9.44
C LEU B 105 25.35 6.93 -8.57
N SER B 106 24.30 6.45 -7.92
CA SER B 106 24.38 5.41 -6.86
C SER B 106 25.46 5.71 -5.85
N ALA B 107 25.45 6.94 -5.33
CA ALA B 107 26.46 7.41 -4.40
C ALA B 107 26.18 6.84 -3.01
N VAL B 108 26.80 5.68 -2.76
CA VAL B 108 26.66 4.94 -1.50
C VAL B 108 26.87 5.80 -0.23
N PRO B 109 27.91 6.68 -0.21
CA PRO B 109 28.08 7.45 1.02
C PRO B 109 26.91 8.36 1.40
N VAL B 110 26.20 8.89 0.41
CA VAL B 110 25.02 9.71 0.66
C VAL B 110 23.91 8.86 1.25
N TYR B 111 23.68 7.70 0.66
CA TYR B 111 22.68 6.79 1.21
C TYR B 111 23.04 6.22 2.57
N GLN B 112 24.32 6.04 2.85
CA GLN B 112 24.74 5.63 4.20
C GLN B 112 24.46 6.74 5.22
N GLU B 113 24.79 7.99 4.85
CA GLU B 113 24.43 9.14 5.71
C GLU B 113 22.96 9.25 6.00
N LEU B 114 22.12 9.07 4.96
CA LEU B 114 20.67 9.06 5.18
C LEU B 114 20.23 7.94 6.10
N ALA B 115 20.71 6.73 5.86
CA ALA B 115 20.40 5.59 6.74
C ALA B 115 20.74 5.84 8.22
N ARG B 116 21.90 6.42 8.49
N ARG B 116 21.89 6.44 8.49
CA ARG B 116 22.28 6.76 9.87
CA ARG B 116 22.27 6.76 9.87
C ARG B 116 21.32 7.80 10.50
C ARG B 116 21.32 7.80 10.50
N ARG B 117 20.82 8.73 9.70
CA ARG B 117 19.80 9.69 10.18
C ARG B 117 18.50 9.05 10.53
N ILE B 118 18.05 8.16 9.64
CA ILE B 118 16.83 7.39 9.87
C ILE B 118 16.98 6.61 11.19
N GLY B 119 18.12 5.92 11.33
CA GLY B 119 18.46 5.18 12.54
C GLY B 119 17.86 3.80 12.50
N LEU B 120 18.40 2.91 13.33
CA LEU B 120 18.04 1.50 13.26
C LEU B 120 16.57 1.20 13.59
N ASP B 121 16.04 1.86 14.64
CA ASP B 121 14.66 1.64 15.13
CA ASP B 121 14.67 1.56 15.08
C ASP B 121 13.67 1.91 13.97
N LEU B 122 13.76 3.10 13.39
CA LEU B 122 12.82 3.51 12.34
C LEU B 122 13.00 2.68 11.07
N MET B 123 14.26 2.43 10.70
CA MET B 123 14.57 1.63 9.54
C MET B 123 13.98 0.22 9.62
N GLN B 124 14.20 -0.46 10.75
CA GLN B 124 13.64 -1.81 10.89
C GLN B 124 12.08 -1.79 10.90
N LYS B 125 11.51 -0.79 11.58
CA LYS B 125 10.05 -0.64 11.66
C LYS B 125 9.49 -0.44 10.23
N GLU B 126 10.16 0.37 9.42
CA GLU B 126 9.68 0.68 8.06
C GLU B 126 9.87 -0.47 7.09
N VAL B 127 11.02 -1.11 7.13
CA VAL B 127 11.26 -2.25 6.26
C VAL B 127 10.29 -3.43 6.57
N LYS B 128 9.99 -3.63 7.84
CA LYS B 128 9.01 -4.65 8.25
C LYS B 128 7.59 -4.27 7.80
N ARG B 129 7.24 -3.00 7.95
CA ARG B 129 5.91 -2.50 7.52
C ARG B 129 5.73 -2.69 6.01
N ILE B 130 6.73 -2.34 5.22
CA ILE B 130 6.72 -2.52 3.76
C ILE B 130 6.76 -4.02 3.42
N GLY B 131 7.49 -4.81 4.20
CA GLY B 131 7.66 -6.26 3.93
C GLY B 131 8.66 -6.49 2.81
N PHE B 132 9.73 -5.69 2.78
CA PHE B 132 10.67 -5.74 1.67
C PHE B 132 11.58 -6.93 1.84
N GLY B 133 11.42 -7.91 0.95
CA GLY B 133 12.23 -9.09 1.00
C GLY B 133 12.07 -9.86 2.29
N ASN B 134 13.19 -10.29 2.85
CA ASN B 134 13.15 -10.99 4.14
C ASN B 134 12.98 -10.03 5.33
N ALA B 135 13.05 -8.73 5.05
CA ALA B 135 12.86 -7.67 6.03
C ALA B 135 13.79 -7.74 7.23
N GLU B 136 14.98 -8.28 7.06
CA GLU B 136 15.97 -8.39 8.13
C GLU B 136 17.02 -7.31 7.93
N ILE B 137 17.18 -6.41 8.89
CA ILE B 137 18.26 -5.44 8.76
C ILE B 137 19.42 -5.61 9.78
N GLY B 138 19.22 -6.45 10.80
CA GLY B 138 20.26 -6.73 11.79
C GLY B 138 20.56 -5.49 12.61
N GLN B 139 21.82 -5.34 13.02
CA GLN B 139 22.23 -4.33 13.97
C GLN B 139 23.07 -3.19 13.40
N GLN B 140 23.53 -3.30 12.14
CA GLN B 140 24.33 -2.29 11.44
CA GLN B 140 24.32 -2.23 11.49
C GLN B 140 23.45 -1.49 10.46
N VAL B 141 22.99 -0.30 10.86
CA VAL B 141 22.07 0.47 10.00
C VAL B 141 22.68 0.99 8.68
N ASP B 142 24.01 1.07 8.61
CA ASP B 142 24.65 1.73 7.46
C ASP B 142 25.08 0.85 6.29
N ASN B 143 24.85 -0.47 6.38
CA ASN B 143 25.27 -1.36 5.27
C ASN B 143 24.47 -2.64 5.10
N PHE B 144 23.33 -2.76 5.75
CA PHE B 144 22.53 -3.99 5.72
C PHE B 144 22.02 -4.39 4.34
N TRP B 145 21.87 -3.41 3.44
CA TRP B 145 21.39 -3.60 2.06
C TRP B 145 22.54 -3.96 1.11
N LEU B 146 23.76 -3.80 1.57
CA LEU B 146 24.97 -4.08 0.73
C LEU B 146 25.58 -5.45 1.02
N VAL B 147 25.68 -5.84 2.29
CA VAL B 147 26.41 -7.06 2.66
C VAL B 147 25.53 -8.07 3.40
N GLY B 148 24.21 -7.87 3.42
CA GLY B 148 23.32 -8.67 4.26
C GLY B 148 23.11 -8.05 5.64
N PRO B 149 22.11 -8.50 6.41
CA PRO B 149 21.37 -9.71 6.17
C PRO B 149 20.13 -9.52 5.28
N LEU B 150 19.80 -8.28 4.91
CA LEU B 150 18.65 -8.01 4.00
C LEU B 150 18.84 -8.69 2.63
N LYS B 151 17.86 -9.52 2.26
CA LYS B 151 17.84 -10.16 0.95
C LYS B 151 16.45 -10.07 0.37
N VAL B 152 16.39 -10.11 -0.95
CA VAL B 152 15.14 -9.88 -1.69
C VAL B 152 15.22 -10.68 -2.99
N THR B 153 14.10 -11.28 -3.39
CA THR B 153 14.05 -11.96 -4.71
C THR B 153 13.74 -10.99 -5.86
N PRO B 154 14.12 -11.36 -7.09
CA PRO B 154 13.72 -10.54 -8.22
C PRO B 154 12.23 -10.36 -8.39
N ILE B 155 11.42 -11.40 -8.10
CA ILE B 155 9.99 -11.23 -8.10
C ILE B 155 9.54 -10.21 -7.05
N GLN B 156 10.14 -10.26 -5.86
CA GLN B 156 9.78 -9.27 -4.83
C GLN B 156 10.19 -7.85 -5.26
N GLU B 157 11.30 -7.73 -5.98
CA GLU B 157 11.74 -6.43 -6.43
C GLU B 157 10.81 -5.86 -7.49
N VAL B 158 10.33 -6.70 -8.42
CA VAL B 158 9.42 -6.20 -9.44
C VAL B 158 8.09 -5.77 -8.83
N GLU B 159 7.66 -6.50 -7.79
CA GLU B 159 6.39 -6.17 -7.12
C GLU B 159 6.52 -4.81 -6.42
N PHE B 160 7.63 -4.61 -5.74
CA PHE B 160 7.93 -3.32 -5.09
C PHE B 160 7.93 -2.17 -6.09
N VAL B 161 8.69 -2.29 -7.19
CA VAL B 161 8.81 -1.20 -8.09
C VAL B 161 7.52 -0.96 -8.87
N SER B 162 6.73 -2.01 -9.11
CA SER B 162 5.46 -1.81 -9.74
C SER B 162 4.50 -1.01 -8.81
N GLN B 163 4.58 -1.27 -7.51
CA GLN B 163 3.73 -0.53 -6.55
C GLN B 163 4.22 0.93 -6.51
N LEU B 164 5.54 1.13 -6.55
CA LEU B 164 6.07 2.57 -6.59
C LEU B 164 5.52 3.28 -7.82
N ALA B 165 5.67 2.66 -9.00
CA ALA B 165 5.20 3.21 -10.24
C ALA B 165 3.72 3.57 -10.28
N HIS B 166 2.87 2.75 -9.66
CA HIS B 166 1.46 2.99 -9.54
C HIS B 166 1.04 3.84 -8.31
N THR B 167 2.00 4.30 -7.51
CA THR B 167 1.72 5.10 -6.28
C THR B 167 0.88 4.29 -5.29
N GLN B 168 1.16 2.98 -5.22
CA GLN B 168 0.45 2.05 -4.35
CA GLN B 168 0.47 2.00 -4.38
C GLN B 168 1.27 1.62 -3.12
N LEU B 169 2.49 2.14 -2.92
CA LEU B 169 3.23 1.84 -1.68
C LEU B 169 2.56 2.60 -0.52
N PRO B 170 2.79 2.17 0.73
CA PRO B 170 2.11 2.79 1.88
C PRO B 170 2.95 3.98 2.40
N PHE B 171 3.08 4.96 1.51
CA PHE B 171 3.76 6.22 1.75
C PHE B 171 2.90 7.32 1.13
N SER B 172 3.20 8.56 1.48
CA SER B 172 2.47 9.65 0.90
C SER B 172 2.62 9.67 -0.61
N GLU B 173 1.58 10.14 -1.26
CA GLU B 173 1.60 10.28 -2.72
C GLU B 173 2.71 11.24 -3.21
N LYS B 174 2.87 12.33 -2.51
CA LYS B 174 3.92 13.31 -2.89
C LYS B 174 5.33 12.72 -2.73
N VAL B 175 5.56 11.92 -1.67
CA VAL B 175 6.86 11.32 -1.47
C VAL B 175 7.14 10.29 -2.59
N GLN B 176 6.13 9.49 -2.89
CA GLN B 176 6.29 8.53 -4.01
C GLN B 176 6.57 9.24 -5.33
N ALA B 177 5.85 10.32 -5.59
CA ALA B 177 6.07 11.09 -6.83
C ALA B 177 7.51 11.66 -6.83
N ASN B 178 7.98 12.17 -5.68
CA ASN B 178 9.36 12.71 -5.62
C ASN B 178 10.44 11.67 -5.88
N VAL B 179 10.23 10.43 -5.39
CA VAL B 179 11.22 9.38 -5.63
C VAL B 179 11.16 8.90 -7.08
N LYS B 180 9.95 8.77 -7.64
CA LYS B 180 9.80 8.47 -9.08
C LYS B 180 10.55 9.44 -9.95
N ASN B 181 10.47 10.71 -9.63
CA ASN B 181 11.15 11.72 -10.41
C ASN B 181 12.68 11.63 -10.40
N MET B 182 13.26 10.97 -9.40
CA MET B 182 14.70 10.79 -9.31
C MET B 182 15.19 9.66 -10.18
N LEU B 183 14.26 8.84 -10.68
CA LEU B 183 14.60 7.53 -11.34
C LEU B 183 14.54 7.50 -12.85
N LEU B 184 14.30 8.64 -13.50
CA LEU B 184 14.10 8.64 -14.95
C LEU B 184 15.46 8.40 -15.62
N LEU B 185 15.56 7.34 -16.41
CA LEU B 185 16.83 6.91 -17.07
C LEU B 185 16.90 7.29 -18.51
N GLU B 186 15.82 7.10 -19.25
CA GLU B 186 15.80 7.45 -20.70
C GLU B 186 14.38 7.60 -21.19
N GLU B 187 14.24 8.31 -22.29
CA GLU B 187 12.97 8.34 -23.02
C GLU B 187 13.15 8.61 -24.49
N SER B 188 12.19 8.10 -25.25
CA SER B 188 12.15 8.30 -26.71
C SER B 188 10.82 7.78 -27.21
N ASN B 189 10.30 8.42 -28.26
CA ASN B 189 9.02 8.02 -28.88
C ASN B 189 7.86 8.01 -27.87
N GLY B 190 7.89 8.92 -26.90
CA GLY B 190 6.90 8.96 -25.82
C GLY B 190 6.97 7.88 -24.74
N TYR B 191 7.89 6.90 -24.85
CA TYR B 191 8.07 5.84 -23.82
C TYR B 191 9.13 6.33 -22.85
N LYS B 192 8.87 6.27 -21.54
CA LYS B 192 9.87 6.62 -20.53
C LYS B 192 10.35 5.38 -19.80
N ILE B 193 11.64 5.32 -19.48
CA ILE B 193 12.20 4.18 -18.72
C ILE B 193 12.77 4.73 -17.44
N PHE B 194 12.22 4.23 -16.33
CA PHE B 194 12.65 4.58 -15.01
C PHE B 194 13.37 3.39 -14.44
N GLY B 195 14.36 3.65 -13.61
CA GLY B 195 14.91 2.54 -12.83
C GLY B 195 16.19 2.83 -12.08
N LYS B 196 16.68 1.79 -11.40
N LYS B 196 16.78 1.76 -11.59
CA LYS B 196 17.86 1.84 -10.56
CA LYS B 196 17.85 1.84 -10.67
C LYS B 196 18.73 0.59 -10.75
C LYS B 196 18.72 0.60 -10.79
N THR B 197 20.03 0.79 -10.94
CA THR B 197 21.02 -0.30 -10.97
C THR B 197 21.52 -0.64 -9.57
N GLY B 198 22.06 -1.84 -9.45
CA GLY B 198 22.90 -2.20 -8.30
C GLY B 198 23.81 -3.34 -8.65
N TRP B 199 24.93 -3.42 -7.94
CA TRP B 199 25.84 -4.52 -8.14
C TRP B 199 26.63 -4.78 -6.87
N ALA B 200 26.81 -6.05 -6.56
CA ALA B 200 27.64 -6.50 -5.40
C ALA B 200 28.60 -7.52 -5.93
N MET B 201 29.90 -7.32 -5.71
CA MET B 201 30.94 -8.27 -6.14
C MET B 201 31.96 -8.47 -5.02
N ASN B 202 31.87 -9.64 -4.37
CA ASN B 202 32.72 -9.99 -3.23
C ASN B 202 32.60 -11.51 -2.99
N ILE B 203 33.17 -12.01 -1.89
CA ILE B 203 33.18 -13.45 -1.60
C ILE B 203 31.73 -13.94 -1.47
N LYS B 204 30.90 -13.22 -0.71
CA LYS B 204 29.50 -13.60 -0.48
C LYS B 204 28.58 -13.49 -1.72
N SER B 205 28.77 -12.45 -2.53
CA SER B 205 27.74 -12.01 -3.54
C SER B 205 28.38 -11.68 -4.91
N GLN B 206 27.69 -12.03 -6.01
CA GLN B 206 28.21 -11.75 -7.37
C GLN B 206 27.00 -11.38 -8.32
N VAL B 207 26.30 -10.34 -7.94
CA VAL B 207 24.94 -10.08 -8.42
C VAL B 207 24.84 -8.68 -9.04
N GLY B 208 24.14 -8.61 -10.18
CA GLY B 208 23.84 -7.34 -10.83
C GLY B 208 22.35 -7.17 -11.00
N TRP B 209 21.85 -5.97 -10.71
CA TRP B 209 20.46 -5.65 -10.79
C TRP B 209 20.20 -4.45 -11.72
N LEU B 210 19.05 -4.47 -12.36
CA LEU B 210 18.47 -3.30 -13.02
C LEU B 210 16.96 -3.43 -12.92
N THR B 211 16.36 -2.59 -12.09
CA THR B 211 14.99 -2.76 -11.61
C THR B 211 14.26 -1.43 -11.85
N GLY B 212 13.10 -1.50 -12.44
CA GLY B 212 12.44 -0.26 -12.87
C GLY B 212 11.13 -0.46 -13.58
N TRP B 213 10.76 0.48 -14.41
CA TRP B 213 9.53 0.33 -15.18
C TRP B 213 9.55 1.19 -16.44
N VAL B 214 8.75 0.76 -17.40
CA VAL B 214 8.48 1.52 -18.59
C VAL B 214 7.10 2.18 -18.43
N GLU B 215 7.03 3.48 -18.71
CA GLU B 215 5.75 4.17 -18.79
C GLU B 215 5.49 4.42 -20.26
N GLN B 216 4.48 3.73 -20.78
CA GLN B 216 4.05 3.85 -22.14
C GLN B 216 3.29 5.16 -22.41
N PRO B 217 3.11 5.52 -23.68
CA PRO B 217 2.46 6.84 -23.99
C PRO B 217 1.07 7.09 -23.34
N ASP B 218 0.24 6.05 -23.29
CA ASP B 218 -1.05 6.10 -22.54
C ASP B 218 -0.97 6.03 -21.03
N GLY B 219 0.23 5.99 -20.46
CA GLY B 219 0.41 5.90 -19.03
C GLY B 219 0.48 4.47 -18.49
N LYS B 220 0.28 3.47 -19.33
CA LYS B 220 0.42 2.09 -18.90
C LYS B 220 1.84 1.80 -18.40
N ILE B 221 1.92 1.03 -17.32
CA ILE B 221 3.17 0.73 -16.65
CA ILE B 221 3.15 0.71 -16.61
C ILE B 221 3.52 -0.75 -16.86
N VAL B 222 4.75 -0.96 -17.32
CA VAL B 222 5.32 -2.33 -17.42
C VAL B 222 6.61 -2.35 -16.57
N ALA B 223 6.54 -3.02 -15.42
CA ALA B 223 7.64 -3.10 -14.45
C ALA B 223 8.60 -4.23 -14.78
N PHE B 224 9.87 -4.03 -14.47
CA PHE B 224 10.87 -5.04 -14.74
C PHE B 224 11.86 -5.16 -13.57
N ALA B 225 12.43 -6.33 -13.47
CA ALA B 225 13.61 -6.56 -12.62
C ALA B 225 14.54 -7.52 -13.35
N LEU B 226 15.70 -6.99 -13.72
CA LEU B 226 16.75 -7.80 -14.37
C LEU B 226 17.76 -8.17 -13.26
N ASN B 227 18.02 -9.46 -13.13
CA ASN B 227 18.96 -9.97 -12.10
C ASN B 227 19.88 -10.94 -12.75
N MET B 228 21.18 -10.69 -12.63
CA MET B 228 22.17 -11.54 -13.30
C MET B 228 23.45 -11.73 -12.51
N GLU B 229 24.17 -12.78 -12.88
CA GLU B 229 25.49 -13.02 -12.30
C GLU B 229 26.48 -12.10 -12.98
N MET B 230 27.26 -11.32 -12.23
CA MET B 230 28.19 -10.36 -12.90
C MET B 230 29.60 -10.94 -12.93
N ARG B 231 30.38 -10.57 -13.93
CA ARG B 231 31.81 -10.92 -14.02
C ARG B 231 32.62 -9.62 -14.16
N SER B 232 33.83 -9.59 -13.60
CA SER B 232 34.70 -8.41 -13.64
C SER B 232 35.02 -7.96 -15.07
N GLU B 233 35.10 -8.89 -16.03
CA GLU B 233 35.33 -8.58 -17.44
C GLU B 233 34.15 -7.87 -18.15
N MET B 234 32.96 -7.87 -17.56
CA MET B 234 31.81 -7.25 -18.21
C MET B 234 31.87 -5.73 -18.15
N PRO B 235 31.37 -5.05 -19.21
CA PRO B 235 31.03 -3.64 -19.05
C PRO B 235 29.76 -3.49 -18.22
N ALA B 236 29.66 -2.44 -17.41
CA ALA B 236 28.45 -2.17 -16.61
C ALA B 236 27.18 -2.04 -17.48
N SER B 237 27.40 -1.50 -18.68
CA SER B 237 26.34 -1.29 -19.68
C SER B 237 25.71 -2.58 -20.24
N ILE B 238 26.28 -3.75 -19.94
CA ILE B 238 25.67 -5.02 -20.35
C ILE B 238 24.23 -5.17 -19.81
N ARG B 239 23.99 -4.61 -18.62
CA ARG B 239 22.68 -4.72 -17.97
C ARG B 239 21.67 -3.95 -18.84
N ASN B 240 21.99 -2.70 -19.14
CA ASN B 240 21.12 -1.88 -19.97
C ASN B 240 20.93 -2.45 -21.38
N GLU B 241 21.98 -3.04 -21.99
CA GLU B 241 21.89 -3.52 -23.34
C GLU B 241 20.94 -4.71 -23.43
N LEU B 242 21.08 -5.60 -22.46
CA LEU B 242 20.24 -6.79 -22.41
C LEU B 242 18.77 -6.44 -22.11
N LEU B 243 18.59 -5.47 -21.21
CA LEU B 243 17.28 -5.02 -20.91
C LEU B 243 16.60 -4.43 -22.16
N MET B 244 17.28 -3.52 -22.85
CA MET B 244 16.65 -2.81 -23.99
C MET B 244 16.33 -3.77 -25.13
N LYS B 245 17.24 -4.71 -25.42
CA LYS B 245 16.99 -5.69 -26.46
C LYS B 245 15.78 -6.55 -26.13
N SER B 246 15.66 -6.92 -24.86
CA SER B 246 14.56 -7.75 -24.38
C SER B 246 13.22 -7.03 -24.40
N LEU B 247 13.21 -5.80 -23.93
CA LEU B 247 11.97 -5.03 -23.92
C LEU B 247 11.46 -4.76 -25.35
N LYS B 248 12.38 -4.51 -26.30
CA LYS B 248 12.00 -4.36 -27.71
C LYS B 248 11.42 -5.65 -28.26
N GLN B 249 12.07 -6.76 -27.97
CA GLN B 249 11.60 -8.08 -28.43
C GLN B 249 10.19 -8.37 -27.94
N LEU B 250 9.87 -7.94 -26.72
CA LEU B 250 8.54 -8.15 -26.16
C LEU B 250 7.51 -7.06 -26.55
N ASN B 251 7.91 -6.12 -27.39
CA ASN B 251 7.09 -4.96 -27.80
C ASN B 251 6.59 -4.06 -26.68
N ILE B 252 7.36 -4.01 -25.61
CA ILE B 252 7.05 -3.17 -24.45
C ILE B 252 7.56 -1.75 -24.74
N ILE B 253 8.66 -1.65 -25.53
CA ILE B 253 9.11 -0.41 -26.13
C ILE B 253 9.34 -0.63 -27.63
#